data_6U73
#
_entry.id   6U73
#
_cell.length_a   132.496
_cell.length_b   135.632
_cell.length_c   39.596
_cell.angle_alpha   90.000
_cell.angle_beta   90.000
_cell.angle_gamma   90.000
#
_symmetry.space_group_name_H-M   'C 2 2 21'
#
loop_
_entity.id
_entity.type
_entity.pdbx_description
1 polymer 'Angiopoietin-related protein 4'
2 non-polymer 'MYRISTIC ACID'
3 water water
#
_entity_poly.entity_id   1
_entity_poly.type   'polypeptide(L)'
_entity_poly.pdbx_seq_one_letter_code
;PRDCQELFQVGERQSGLFEIQPQGSPPFLVNCKMTSDGGWTVIQRRHDGSVDFNRPWEAYKAGFGDPHGEFWLGLEKVHS
ITGDRNSRLAVQLRDWDGNAELLQFSVHLGGEDTAYSLQLTAPVAGQLGATTVPPSGLSVPFSTWDQDHDLRRDKNCAKS
LSGGWWFGTCSHSNLNGQYFRSIPQQRQKLKKGIFWKTWRGRYYPLQATTMLIQPM
;
_entity_poly.pdbx_strand_id   A
#
loop_
_chem_comp.id
_chem_comp.type
_chem_comp.name
_chem_comp.formula
MYR non-polymer 'MYRISTIC ACID' 'C14 H28 O2'
#
# COMPACT_ATOMS: atom_id res chain seq x y z
N PRO A 1 0.16 -16.21 17.64
CA PRO A 1 1.01 -15.06 17.36
C PRO A 1 0.23 -13.95 16.69
N ARG A 2 0.59 -12.71 16.98
CA ARG A 2 -0.24 -11.60 16.56
C ARG A 2 0.16 -11.07 15.19
N ASP A 3 1.42 -11.22 14.80
CA ASP A 3 1.86 -10.77 13.49
C ASP A 3 3.15 -11.49 13.11
N CYS A 4 3.75 -11.07 11.98
CA CYS A 4 4.94 -11.72 11.46
C CYS A 4 6.16 -11.47 12.33
N GLN A 5 6.24 -10.29 12.97
CA GLN A 5 7.36 -10.00 13.87
C GLN A 5 7.32 -10.90 15.10
N GLU A 6 6.12 -11.18 15.59
CA GLU A 6 5.99 -12.12 16.70
C GLU A 6 6.37 -13.53 16.28
N LEU A 7 6.08 -13.91 15.03
CA LEU A 7 6.49 -15.22 14.53
C LEU A 7 8.01 -15.29 14.43
N PHE A 8 8.62 -14.26 13.84
CA PHE A 8 10.06 -14.09 13.85
C PHE A 8 10.63 -14.23 15.27
N GLN A 9 10.06 -13.51 16.23
CA GLN A 9 10.61 -13.50 17.58
C GLN A 9 10.61 -14.87 18.23
N VAL A 10 9.69 -15.74 17.85
CA VAL A 10 9.68 -17.06 18.45
C VAL A 10 10.47 -18.03 17.58
N GLY A 11 11.16 -17.50 16.57
CA GLY A 11 12.16 -18.26 15.85
C GLY A 11 11.79 -18.71 14.45
N GLU A 12 10.72 -18.20 13.86
CA GLU A 12 10.34 -18.63 12.51
C GLU A 12 11.24 -17.95 11.49
N ARG A 13 11.88 -18.75 10.63
CA ARG A 13 12.90 -18.27 9.70
C ARG A 13 12.41 -18.15 8.26
N GLN A 14 11.33 -18.81 7.91
CA GLN A 14 10.95 -18.99 6.51
C GLN A 14 9.93 -17.95 6.06
N SER A 15 10.13 -17.41 4.87
CA SER A 15 9.12 -16.55 4.25
C SER A 15 8.05 -17.40 3.56
N GLY A 16 6.81 -16.98 3.72
CA GLY A 16 5.69 -17.75 3.20
C GLY A 16 4.42 -17.43 3.99
N LEU A 17 3.46 -18.35 3.90
CA LEU A 17 2.14 -18.15 4.45
C LEU A 17 2.05 -18.68 5.87
N PHE A 18 1.52 -17.86 6.77
CA PHE A 18 1.43 -18.21 8.18
C PHE A 18 0.13 -17.67 8.77
N GLU A 19 -0.43 -18.43 9.71
CA GLU A 19 -1.59 -17.96 10.46
C GLU A 19 -1.16 -17.02 11.56
N ILE A 20 -1.81 -15.87 11.64
CA ILE A 20 -1.67 -14.98 12.78
C ILE A 20 -3.06 -14.71 13.34
N GLN A 21 -3.09 -14.19 14.55
CA GLN A 21 -4.32 -13.71 15.15
C GLN A 21 -4.02 -12.43 15.91
N PRO A 22 -4.12 -11.28 15.25
CA PRO A 22 -4.02 -9.99 15.97
C PRO A 22 -5.11 -9.88 17.03
N GLN A 23 -4.84 -9.04 18.03
CA GLN A 23 -5.76 -8.85 19.14
C GLN A 23 -7.10 -8.33 18.65
N GLY A 24 -8.18 -8.92 19.16
CA GLY A 24 -9.50 -8.52 18.71
C GLY A 24 -9.89 -8.99 17.33
N SER A 25 -9.15 -9.91 16.75
CA SER A 25 -9.38 -10.34 15.37
C SER A 25 -9.50 -11.85 15.30
N PRO A 26 -10.27 -12.36 14.34
CA PRO A 26 -10.20 -13.79 14.03
C PRO A 26 -8.85 -14.11 13.39
N PRO A 27 -8.44 -15.38 13.38
CA PRO A 27 -7.16 -15.72 12.73
C PRO A 27 -7.27 -15.60 11.22
N PHE A 28 -6.15 -15.25 10.58
CA PHE A 28 -6.10 -15.27 9.12
C PHE A 28 -4.67 -15.49 8.63
N LEU A 29 -4.56 -15.93 7.37
CA LEU A 29 -3.25 -16.27 6.75
C LEU A 29 -2.63 -15.02 6.11
N VAL A 30 -1.37 -14.74 6.46
CA VAL A 30 -0.61 -13.62 5.92
C VAL A 30 0.68 -14.13 5.26
N ASN A 31 1.23 -13.29 4.38
CA ASN A 31 2.54 -13.51 3.79
C ASN A 31 3.58 -12.83 4.67
N CYS A 32 4.45 -13.63 5.29
CA CYS A 32 5.52 -13.10 6.14
C CYS A 32 6.85 -13.12 5.37
N LYS A 33 7.61 -12.04 5.50
CA LYS A 33 8.97 -12.02 4.99
C LYS A 33 9.89 -11.88 6.18
N MET A 34 10.73 -12.89 6.40
CA MET A 34 11.66 -12.89 7.50
C MET A 34 13.00 -12.40 6.97
N THR A 35 13.50 -11.30 7.56
CA THR A 35 14.71 -10.59 7.16
C THR A 35 15.63 -10.50 8.37
N SER A 36 16.82 -9.94 8.15
CA SER A 36 17.72 -9.63 9.27
C SER A 36 17.09 -8.66 10.28
N ASP A 37 16.14 -7.85 9.79
CA ASP A 37 15.49 -6.82 10.66
C ASP A 37 14.13 -7.31 11.17
N GLY A 38 13.97 -8.62 11.39
CA GLY A 38 12.71 -9.12 11.92
C GLY A 38 11.70 -9.45 10.84
N GLY A 39 10.48 -9.72 11.29
CA GLY A 39 9.40 -10.17 10.41
C GLY A 39 8.62 -9.01 9.83
N TRP A 40 8.36 -9.09 8.53
CA TRP A 40 7.58 -8.09 7.83
C TRP A 40 6.32 -8.75 7.27
N THR A 41 5.19 -8.05 7.36
CA THR A 41 3.95 -8.52 6.75
C THR A 41 3.83 -7.92 5.35
N VAL A 42 3.70 -8.78 4.34
CA VAL A 42 3.45 -8.28 2.98
C VAL A 42 1.99 -7.89 2.89
N ILE A 43 1.71 -6.62 2.57
CA ILE A 43 0.35 -6.15 2.43
C ILE A 43 -0.06 -5.92 0.98
N GLN A 44 0.88 -5.84 0.06
CA GLN A 44 0.58 -5.70 -1.36
C GLN A 44 1.75 -6.26 -2.16
N ARG A 45 1.43 -6.95 -3.25
CA ARG A 45 2.43 -7.54 -4.14
C ARG A 45 1.88 -7.52 -5.56
N ARG A 46 2.67 -7.01 -6.50
CA ARG A 46 2.28 -6.97 -7.93
C ARG A 46 3.47 -7.24 -8.84
N HIS A 47 3.32 -8.14 -9.81
CA HIS A 47 4.45 -8.48 -10.71
C HIS A 47 4.00 -8.77 -12.15
N ASP A 48 2.75 -9.15 -12.41
CA ASP A 48 2.47 -9.62 -13.78
C ASP A 48 1.12 -9.16 -14.31
N GLY A 49 0.29 -8.53 -13.49
CA GLY A 49 -1.00 -8.08 -13.97
C GLY A 49 -2.05 -9.15 -14.06
N SER A 50 -1.84 -10.29 -13.40
CA SER A 50 -2.83 -11.35 -13.44
C SER A 50 -4.08 -11.01 -12.63
N VAL A 51 -3.97 -10.10 -11.67
CA VAL A 51 -5.06 -9.82 -10.72
C VAL A 51 -5.60 -8.42 -10.98
N ASP A 52 -6.92 -8.31 -11.07
CA ASP A 52 -7.60 -7.03 -11.25
C ASP A 52 -7.59 -6.26 -9.93
N PHE A 53 -7.03 -5.06 -9.95
CA PHE A 53 -6.98 -4.21 -8.75
C PHE A 53 -7.99 -3.10 -8.78
N ASN A 54 -8.79 -3.00 -9.85
CA ASN A 54 -9.80 -1.95 -9.93
C ASN A 54 -11.08 -2.46 -9.25
N ARG A 55 -11.12 -2.27 -7.94
CA ARG A 55 -12.12 -2.84 -7.08
C ARG A 55 -12.66 -1.79 -6.12
N PRO A 56 -13.89 -1.94 -5.66
CA PRO A 56 -14.50 -0.93 -4.80
C PRO A 56 -14.06 -1.08 -3.35
N TRP A 57 -14.66 -0.23 -2.51
CA TRP A 57 -14.21 -0.04 -1.13
C TRP A 57 -14.18 -1.34 -0.34
N GLU A 58 -15.29 -2.12 -0.39
CA GLU A 58 -15.36 -3.33 0.40
C GLU A 58 -14.29 -4.36 0.01
N ALA A 59 -13.90 -4.42 -1.27
CA ALA A 59 -12.81 -5.34 -1.61
C ALA A 59 -11.48 -4.85 -1.06
N TYR A 60 -11.26 -3.53 -1.09
CA TYR A 60 -10.02 -2.97 -0.57
C TYR A 60 -9.99 -3.06 0.95
N LYS A 61 -11.16 -3.08 1.58
CA LYS A 61 -11.20 -3.25 3.03
C LYS A 61 -10.89 -4.69 3.43
N ALA A 62 -11.44 -5.66 2.68
CA ALA A 62 -11.40 -7.08 3.03
C ALA A 62 -10.20 -7.82 2.49
N GLY A 63 -9.56 -7.33 1.43
CA GLY A 63 -8.47 -7.99 0.75
C GLY A 63 -8.92 -8.72 -0.50
N PHE A 64 -7.99 -8.90 -1.45
CA PHE A 64 -8.34 -9.65 -2.65
C PHE A 64 -7.08 -10.19 -3.32
N GLY A 65 -7.29 -11.06 -4.30
CA GLY A 65 -6.20 -11.60 -5.10
C GLY A 65 -5.72 -12.98 -4.65
N ASP A 66 -4.52 -13.30 -5.09
CA ASP A 66 -3.94 -14.64 -4.95
C ASP A 66 -2.82 -14.59 -3.93
N PRO A 67 -2.98 -15.20 -2.75
CA PRO A 67 -1.90 -15.16 -1.75
C PRO A 67 -0.60 -15.75 -2.24
N HIS A 68 -0.63 -16.58 -3.28
CA HIS A 68 0.59 -17.09 -3.89
C HIS A 68 1.03 -16.28 -5.10
N GLY A 69 0.34 -15.19 -5.41
CA GLY A 69 0.69 -14.37 -6.54
C GLY A 69 0.55 -12.89 -6.21
N GLU A 70 -0.21 -12.16 -7.03
CA GLU A 70 -0.51 -10.76 -6.79
C GLU A 70 -1.67 -10.65 -5.82
N PHE A 71 -1.59 -9.70 -4.88
CA PHE A 71 -2.68 -9.55 -3.93
C PHE A 71 -2.66 -8.20 -3.23
N TRP A 72 -3.78 -7.93 -2.55
CA TRP A 72 -3.95 -6.84 -1.60
C TRP A 72 -4.42 -7.48 -0.30
N LEU A 73 -3.64 -7.33 0.77
CA LEU A 73 -3.98 -8.03 2.01
C LEU A 73 -5.33 -7.54 2.55
N GLY A 74 -5.55 -6.23 2.56
CA GLY A 74 -6.86 -5.79 3.03
C GLY A 74 -6.70 -4.86 4.21
N LEU A 75 -7.34 -3.69 4.11
CA LEU A 75 -7.08 -2.58 5.03
C LEU A 75 -7.49 -2.94 6.46
N GLU A 76 -8.61 -3.65 6.58
CA GLU A 76 -9.13 -4.08 7.91
C GLU A 76 -8.11 -5.03 8.56
N LYS A 77 -7.52 -5.92 7.76
CA LYS A 77 -6.51 -6.88 8.26
C LYS A 77 -5.23 -6.12 8.61
N VAL A 78 -4.80 -5.20 7.75
CA VAL A 78 -3.59 -4.41 7.98
C VAL A 78 -3.75 -3.58 9.26
N HIS A 79 -4.91 -2.94 9.44
CA HIS A 79 -5.12 -2.14 10.64
C HIS A 79 -5.24 -2.99 11.90
N SER A 80 -5.74 -4.21 11.79
CA SER A 80 -5.68 -5.04 12.99
C SER A 80 -4.25 -5.40 13.34
N ILE A 81 -3.34 -5.39 12.38
CA ILE A 81 -1.95 -5.69 12.70
C ILE A 81 -1.27 -4.46 13.30
N THR A 82 -1.47 -3.28 12.73
CA THR A 82 -0.79 -2.11 13.25
C THR A 82 -1.41 -1.63 14.56
N GLY A 83 -2.71 -1.84 14.75
CA GLY A 83 -3.38 -1.13 15.82
C GLY A 83 -3.16 0.35 15.65
N ASP A 84 -2.86 1.01 16.76
CA ASP A 84 -2.52 2.45 16.69
C ASP A 84 -1.02 2.61 16.93
N ARG A 85 -0.23 1.59 16.63
CA ARG A 85 1.21 1.70 16.85
C ARG A 85 1.91 2.37 15.66
N ASN A 86 3.02 3.04 15.97
CA ASN A 86 3.95 3.49 14.94
C ASN A 86 4.47 2.28 14.19
N SER A 87 4.59 2.41 12.87
CA SER A 87 4.93 1.26 12.05
C SER A 87 5.87 1.67 10.93
N ARG A 88 6.77 0.75 10.60
CA ARG A 88 7.59 0.90 9.41
C ARG A 88 6.79 0.39 8.21
N LEU A 89 6.73 1.20 7.16
CA LEU A 89 6.07 0.84 5.92
C LEU A 89 7.14 0.78 4.84
N ALA A 90 7.40 -0.41 4.31
CA ALA A 90 8.39 -0.60 3.25
C ALA A 90 7.70 -0.58 1.89
N VAL A 91 8.31 0.11 0.94
CA VAL A 91 7.77 0.23 -0.40
C VAL A 91 8.90 -0.13 -1.37
N GLN A 92 8.70 -1.20 -2.14
CA GLN A 92 9.70 -1.71 -3.05
C GLN A 92 9.16 -1.68 -4.48
N LEU A 93 9.91 -1.04 -5.37
CA LEU A 93 9.52 -0.82 -6.75
C LEU A 93 10.53 -1.43 -7.71
N ARG A 94 10.04 -2.00 -8.81
CA ARG A 94 10.90 -2.54 -9.85
C ARG A 94 10.53 -1.89 -11.18
N ASP A 95 11.55 -1.40 -11.90
CA ASP A 95 11.29 -0.88 -13.24
C ASP A 95 11.53 -1.99 -14.27
N TRP A 96 11.32 -1.65 -15.53
CA TRP A 96 11.38 -2.68 -16.60
C TRP A 96 12.80 -3.09 -16.97
N ASP A 97 13.80 -2.51 -16.33
CA ASP A 97 15.19 -2.95 -16.59
C ASP A 97 15.71 -3.72 -15.38
N GLY A 98 14.82 -4.14 -14.48
CA GLY A 98 15.25 -4.84 -13.29
C GLY A 98 15.90 -3.99 -12.21
N ASN A 99 15.83 -2.66 -12.31
CA ASN A 99 16.26 -1.83 -11.19
C ASN A 99 15.20 -1.84 -10.10
N ALA A 100 15.65 -1.94 -8.86
CA ALA A 100 14.76 -1.94 -7.71
C ALA A 100 15.05 -0.74 -6.83
N GLU A 101 14.00 -0.16 -6.25
CA GLU A 101 14.12 0.98 -5.35
C GLU A 101 13.41 0.63 -4.04
N LEU A 102 14.17 0.60 -2.95
CA LEU A 102 13.67 0.16 -1.66
C LEU A 102 13.50 1.38 -0.76
N LEU A 103 12.26 1.68 -0.41
CA LEU A 103 11.90 2.83 0.40
C LEU A 103 11.27 2.38 1.71
N GLN A 104 11.40 3.22 2.74
CA GLN A 104 10.86 2.89 4.05
C GLN A 104 10.45 4.18 4.74
N PHE A 105 9.24 4.21 5.32
CA PHE A 105 8.71 5.36 6.03
C PHE A 105 8.07 4.92 7.33
N SER A 106 8.22 5.72 8.38
CA SER A 106 7.46 5.51 9.62
C SER A 106 6.06 6.10 9.45
N VAL A 107 5.03 5.30 9.73
CA VAL A 107 3.66 5.75 9.58
C VAL A 107 2.83 5.26 10.77
N HIS A 108 1.70 5.94 10.96
CA HIS A 108 0.58 5.39 11.69
C HIS A 108 -0.54 5.14 10.68
N LEU A 109 -1.41 4.18 10.99
CA LEU A 109 -2.55 3.84 10.11
C LEU A 109 -3.83 3.84 10.93
N GLY A 110 -4.80 4.64 10.51
CA GLY A 110 -6.05 4.70 11.24
C GLY A 110 -6.99 3.59 10.85
N GLY A 111 -8.03 3.43 11.67
CA GLY A 111 -9.08 2.46 11.38
C GLY A 111 -10.08 2.96 10.35
N GLU A 112 -11.09 2.13 10.11
CA GLU A 112 -12.12 2.49 9.13
C GLU A 112 -12.81 3.82 9.47
N ASP A 113 -12.94 4.14 10.77
CA ASP A 113 -13.57 5.40 11.13
C ASP A 113 -12.77 6.61 10.65
N THR A 114 -11.51 6.42 10.24
CA THR A 114 -10.74 7.45 9.55
C THR A 114 -10.65 7.19 8.05
N ALA A 115 -11.41 6.24 7.54
CA ALA A 115 -11.25 5.76 6.16
C ALA A 115 -9.82 5.25 5.95
N TYR A 116 -9.30 4.54 6.96
CA TYR A 116 -7.98 3.93 6.94
C TYR A 116 -6.90 4.92 6.53
N SER A 117 -6.90 6.06 7.19
CA SER A 117 -5.97 7.13 6.85
C SER A 117 -4.55 6.75 7.18
N LEU A 118 -3.63 7.13 6.29
CA LEU A 118 -2.22 7.18 6.61
C LEU A 118 -1.93 8.48 7.35
N GLN A 119 -1.33 8.37 8.53
CA GLN A 119 -1.01 9.52 9.36
C GLN A 119 0.50 9.67 9.39
N LEU A 120 0.98 10.82 8.93
CA LEU A 120 2.39 11.07 8.73
C LEU A 120 2.81 12.25 9.58
N THR A 121 3.95 12.13 10.26
CA THR A 121 4.57 13.29 10.86
C THR A 121 5.03 14.24 9.77
N ALA A 122 5.31 15.47 10.16
CA ALA A 122 5.81 16.45 9.19
C ALA A 122 7.13 16.02 8.55
N PRO A 123 8.13 15.51 9.29
CA PRO A 123 9.35 15.05 8.60
C PRO A 123 9.08 13.96 7.57
N VAL A 124 8.23 12.98 7.88
CA VAL A 124 7.99 11.87 6.95
C VAL A 124 7.23 12.36 5.73
N ALA A 125 6.21 13.20 5.93
CA ALA A 125 5.57 13.86 4.80
C ALA A 125 6.57 14.67 4.01
N GLY A 126 7.60 15.20 4.67
CA GLY A 126 8.69 15.84 3.95
C GLY A 126 9.45 14.86 3.08
N GLN A 127 9.81 13.69 3.63
CA GLN A 127 10.41 12.63 2.84
C GLN A 127 9.60 12.33 1.58
N LEU A 128 8.29 12.30 1.66
CA LEU A 128 7.48 11.96 0.48
C LEU A 128 7.29 13.14 -0.45
N GLY A 129 7.81 14.31 -0.13
CA GLY A 129 7.65 15.42 -1.07
C GLY A 129 6.88 16.61 -0.54
N ALA A 130 6.15 16.48 0.56
CA ALA A 130 5.43 17.64 1.12
C ALA A 130 6.43 18.68 1.63
N THR A 131 6.23 19.93 1.25
CA THR A 131 7.17 21.04 1.57
C THR A 131 6.66 21.86 2.77
N THR A 132 5.35 22.09 2.84
CA THR A 132 4.79 22.88 3.93
C THR A 132 3.74 22.02 4.61
N VAL A 133 4.05 21.56 5.82
CA VAL A 133 3.22 20.65 6.59
C VAL A 133 3.40 21.04 8.05
N PRO A 134 2.33 21.35 8.77
CA PRO A 134 2.47 21.74 10.17
C PRO A 134 3.07 20.61 11.01
N PRO A 135 3.62 20.93 12.18
CA PRO A 135 4.14 19.87 13.06
C PRO A 135 3.11 18.83 13.44
N SER A 136 1.81 19.16 13.43
CA SER A 136 0.78 18.17 13.66
C SER A 136 0.72 17.10 12.57
N GLY A 137 1.41 17.30 11.46
CA GLY A 137 1.52 16.26 10.46
C GLY A 137 0.41 16.29 9.44
N LEU A 138 0.23 15.14 8.78
CA LEU A 138 -0.63 15.02 7.61
C LEU A 138 -1.43 13.72 7.72
N SER A 139 -2.68 13.77 7.26
CA SER A 139 -3.60 12.64 7.37
C SER A 139 -4.18 12.41 5.98
N VAL A 140 -3.92 11.25 5.38
CA VAL A 140 -4.42 11.02 4.03
C VAL A 140 -5.39 9.83 4.03
N PRO A 141 -6.67 10.05 3.77
CA PRO A 141 -7.61 8.93 3.69
C PRO A 141 -7.37 8.08 2.45
N PHE A 142 -7.77 6.82 2.58
CA PHE A 142 -7.83 5.90 1.46
C PHE A 142 -9.07 6.18 0.62
N SER A 143 -8.95 5.97 -0.69
CA SER A 143 -10.06 6.22 -1.60
C SER A 143 -10.16 5.12 -2.66
N THR A 144 -11.39 4.78 -3.00
CA THR A 144 -11.76 3.90 -4.10
C THR A 144 -12.79 4.65 -4.95
N TRP A 145 -13.12 4.11 -6.12
CA TRP A 145 -14.02 4.83 -7.01
C TRP A 145 -15.39 5.05 -6.38
N ASP A 146 -15.86 4.13 -5.54
CA ASP A 146 -17.15 4.29 -4.89
C ASP A 146 -17.07 5.01 -3.55
N GLN A 147 -15.87 5.43 -3.12
CA GLN A 147 -15.69 6.03 -1.80
C GLN A 147 -14.45 6.93 -1.89
N ASP A 148 -14.59 8.02 -2.64
CA ASP A 148 -13.46 8.89 -2.92
C ASP A 148 -13.53 10.13 -2.04
N HIS A 149 -12.37 10.61 -1.61
CA HIS A 149 -12.32 11.68 -0.62
C HIS A 149 -11.82 13.00 -1.16
N ASP A 150 -11.56 13.08 -2.46
CA ASP A 150 -11.32 14.36 -3.12
C ASP A 150 -12.43 15.35 -2.75
N LEU A 151 -12.03 16.45 -2.11
CA LEU A 151 -12.95 17.49 -1.61
C LEU A 151 -13.53 18.33 -2.75
N ARG A 152 -12.86 18.38 -3.90
CA ARG A 152 -13.46 19.03 -5.10
C ARG A 152 -14.78 18.29 -5.37
N ARG A 153 -15.88 19.01 -5.54
CA ARG A 153 -17.22 18.37 -5.66
C ARG A 153 -17.46 17.73 -7.03
N ASP A 154 -16.65 18.04 -8.04
CA ASP A 154 -16.85 17.48 -9.40
C ASP A 154 -15.60 16.69 -9.79
N LYS A 155 -14.80 16.30 -8.79
CA LYS A 155 -13.54 15.57 -9.05
C LYS A 155 -13.43 14.33 -8.15
N ASN A 156 -13.37 13.15 -8.80
CA ASN A 156 -13.20 11.85 -8.19
C ASN A 156 -11.87 11.28 -8.66
N CYS A 157 -10.87 11.29 -7.78
CA CYS A 157 -9.52 10.88 -8.19
C CYS A 157 -9.43 9.39 -8.46
N ALA A 158 -10.01 8.57 -7.58
CA ALA A 158 -9.93 7.13 -7.76
C ALA A 158 -10.64 6.70 -9.04
N LYS A 159 -11.80 7.27 -9.29
CA LYS A 159 -12.60 6.97 -10.50
C LYS A 159 -11.87 7.48 -11.73
N SER A 160 -11.14 8.57 -11.60
CA SER A 160 -10.39 9.12 -12.76
C SER A 160 -9.12 8.30 -13.01
N LEU A 161 -8.55 7.69 -11.98
CA LEU A 161 -7.38 6.81 -12.15
C LEU A 161 -7.88 5.36 -12.12
N SER A 162 -7.38 4.52 -11.22
CA SER A 162 -7.81 3.13 -11.15
C SER A 162 -7.32 2.57 -9.84
N GLY A 163 -8.12 1.69 -9.24
CA GLY A 163 -7.73 1.06 -8.00
C GLY A 163 -8.07 1.89 -6.78
N GLY A 164 -7.47 1.52 -5.66
CA GLY A 164 -7.64 2.21 -4.40
C GLY A 164 -6.30 2.67 -3.87
N TRP A 165 -6.28 3.86 -3.26
CA TRP A 165 -5.00 4.41 -2.86
C TRP A 165 -5.21 5.55 -1.86
N TRP A 166 -4.13 5.87 -1.16
CA TRP A 166 -4.05 7.08 -0.36
C TRP A 166 -3.67 8.22 -1.30
N PHE A 167 -4.68 8.74 -2.00
CA PHE A 167 -4.48 9.79 -3.00
C PHE A 167 -4.37 11.14 -2.26
N GLY A 168 -3.21 11.37 -1.63
CA GLY A 168 -2.92 12.67 -0.96
C GLY A 168 -3.11 13.71 -2.04
N THR A 169 -2.32 13.58 -3.07
CA THR A 169 -2.68 14.31 -4.31
C THR A 169 -3.07 13.23 -5.31
N CYS A 170 -3.51 13.64 -6.46
CA CYS A 170 -3.82 12.66 -7.48
C CYS A 170 -2.63 12.43 -8.40
N SER A 171 -1.42 12.89 -8.00
CA SER A 171 -0.24 12.87 -8.84
C SER A 171 1.02 12.35 -8.13
N HIS A 172 0.91 11.84 -6.90
CA HIS A 172 2.11 11.39 -6.19
C HIS A 172 2.46 9.95 -6.50
N SER A 173 1.52 9.03 -6.28
CA SER A 173 1.77 7.61 -6.50
C SER A 173 0.43 6.91 -6.67
N ASN A 174 0.52 5.67 -7.14
CA ASN A 174 -0.57 4.72 -7.18
C ASN A 174 0.00 3.36 -7.51
N LEU A 175 0.32 2.58 -6.49
CA LEU A 175 0.83 1.24 -6.74
C LEU A 175 -0.29 0.24 -7.01
N ASN A 176 -1.55 0.66 -6.90
CA ASN A 176 -2.70 -0.18 -7.13
C ASN A 176 -3.41 0.15 -8.44
N GLY A 177 -2.75 0.88 -9.33
CA GLY A 177 -3.35 1.22 -10.60
C GLY A 177 -3.36 0.03 -11.55
N GLN A 178 -3.70 0.33 -12.80
CA GLN A 178 -3.81 -0.68 -13.83
C GLN A 178 -2.45 -1.15 -14.29
N TYR A 179 -2.31 -2.46 -14.48
CA TYR A 179 -1.05 -3.04 -14.89
C TYR A 179 -0.87 -2.90 -16.40
N PHE A 180 0.26 -2.34 -16.80
CA PHE A 180 0.59 -2.12 -18.20
C PHE A 180 1.93 -2.78 -18.50
N ARG A 181 1.99 -3.47 -19.65
CA ARG A 181 3.23 -4.09 -20.10
C ARG A 181 4.05 -3.21 -21.04
N SER A 182 3.43 -2.33 -21.81
CA SER A 182 4.16 -1.48 -22.75
C SER A 182 3.45 -0.15 -22.89
N ILE A 183 3.83 0.59 -23.94
CA ILE A 183 3.39 1.97 -24.29
C ILE A 183 1.93 2.03 -24.76
N PRO A 184 0.99 2.56 -23.94
CA PRO A 184 -0.40 2.70 -24.32
C PRO A 184 -0.59 4.04 -25.05
N GLN A 185 -1.42 4.06 -26.10
CA GLN A 185 -1.60 5.27 -26.96
C GLN A 185 -2.87 6.07 -26.60
N GLN A 186 -3.93 5.39 -26.16
CA GLN A 186 -5.24 5.98 -25.76
C GLN A 186 -5.03 7.20 -24.87
N ARG A 187 -5.75 8.27 -25.17
CA ARG A 187 -5.65 9.53 -24.39
C ARG A 187 -6.08 9.22 -22.95
N GLN A 188 -5.28 9.70 -21.99
CA GLN A 188 -5.50 9.49 -20.53
C GLN A 188 -5.45 8.00 -20.18
N LYS A 189 -4.32 7.32 -20.40
CA LYS A 189 -4.22 5.86 -20.10
C LYS A 189 -3.11 5.59 -19.08
N LEU A 190 -1.88 5.95 -19.41
CA LEU A 190 -0.76 5.78 -18.49
C LEU A 190 -1.02 6.52 -17.18
N LYS A 191 -1.91 7.51 -17.19
CA LYS A 191 -2.34 8.15 -15.94
C LYS A 191 -2.98 7.14 -14.99
N LYS A 192 -3.55 6.04 -15.51
CA LYS A 192 -4.22 5.04 -14.70
C LYS A 192 -3.29 3.92 -14.23
N GLY A 193 -1.99 4.04 -14.48
CA GLY A 193 -1.06 2.95 -14.29
C GLY A 193 -0.53 2.86 -12.88
N ILE A 194 0.52 2.05 -12.75
CA ILE A 194 1.21 1.81 -11.50
C ILE A 194 2.43 2.72 -11.47
N PHE A 195 2.42 3.73 -10.61
CA PHE A 195 3.44 4.77 -10.71
C PHE A 195 3.85 5.25 -9.33
N TRP A 196 5.06 5.79 -9.27
CA TRP A 196 5.61 6.47 -8.09
C TRP A 196 6.43 7.64 -8.65
N LYS A 197 5.80 8.81 -8.73
CA LYS A 197 6.35 9.99 -9.44
C LYS A 197 7.81 10.31 -9.20
N THR A 198 8.28 10.34 -7.96
CA THR A 198 9.64 10.78 -7.69
C THR A 198 10.70 9.75 -8.07
N TRP A 199 10.31 8.53 -8.38
CA TRP A 199 11.33 7.57 -8.83
C TRP A 199 11.46 7.63 -10.36
N ARG A 200 10.52 7.06 -11.09
CA ARG A 200 10.62 6.97 -12.54
C ARG A 200 9.69 7.92 -13.28
N GLY A 201 8.91 8.72 -12.59
CA GLY A 201 8.08 9.71 -13.24
C GLY A 201 6.58 9.38 -13.10
N ARG A 202 5.77 10.43 -13.29
CA ARG A 202 4.32 10.31 -13.17
C ARG A 202 3.75 9.25 -14.10
N TYR A 203 4.35 9.06 -15.27
CA TYR A 203 3.76 8.25 -16.32
C TYR A 203 4.50 6.95 -16.58
N TYR A 204 5.51 6.62 -15.78
CA TYR A 204 6.22 5.37 -15.96
C TYR A 204 5.45 4.24 -15.28
N PRO A 205 5.06 3.19 -16.02
CA PRO A 205 4.37 2.04 -15.40
C PRO A 205 5.36 1.04 -14.82
N LEU A 206 5.26 0.80 -13.51
CA LEU A 206 6.22 -0.05 -12.84
C LEU A 206 5.98 -1.52 -13.19
N GLN A 207 7.06 -2.29 -13.15
CA GLN A 207 6.93 -3.70 -13.48
C GLN A 207 6.49 -4.50 -12.26
N ALA A 208 6.91 -4.11 -11.06
CA ALA A 208 6.58 -4.89 -9.89
C ALA A 208 6.62 -3.99 -8.66
N THR A 209 5.79 -4.33 -7.67
CA THR A 209 5.72 -3.56 -6.45
C THR A 209 5.51 -4.51 -5.27
N THR A 210 6.05 -4.13 -4.11
CA THR A 210 5.79 -4.82 -2.86
C THR A 210 5.70 -3.80 -1.75
N MET A 211 4.65 -3.88 -0.93
CA MET A 211 4.52 -3.05 0.24
C MET A 211 4.48 -3.96 1.45
N LEU A 212 5.25 -3.59 2.49
CA LEU A 212 5.31 -4.43 3.68
C LEU A 212 5.23 -3.51 4.89
N ILE A 213 4.90 -4.11 6.03
CA ILE A 213 4.70 -3.36 7.25
C ILE A 213 5.25 -4.13 8.44
N GLN A 214 5.72 -3.38 9.43
CA GLN A 214 6.29 -3.91 10.65
C GLN A 214 6.00 -2.92 11.76
N PRO A 215 5.05 -3.22 12.66
CA PRO A 215 4.74 -2.28 13.75
C PRO A 215 5.90 -2.12 14.72
N MET A 216 5.97 -0.93 15.33
CA MET A 216 7.01 -0.42 16.25
C MET A 216 8.23 0.11 15.49
C1 MYR B . 3.37 15.38 -5.23
O1 MYR B . 2.21 15.23 -5.72
O2 MYR B . 4.39 15.09 -5.91
C2 MYR B . 3.53 15.90 -3.79
C3 MYR B . 2.53 15.18 -2.89
C4 MYR B . 3.05 15.20 -1.45
C5 MYR B . 2.92 13.81 -0.84
C6 MYR B . 1.47 13.56 -0.43
C7 MYR B . 1.43 12.52 0.69
C8 MYR B . 1.85 11.16 0.13
C9 MYR B . 0.80 10.11 0.49
C10 MYR B . 0.65 9.13 -0.67
C11 MYR B . 0.68 7.71 -0.14
C12 MYR B . 2.10 7.34 0.29
C13 MYR B . 2.22 5.82 0.39
C14 MYR B . 3.46 5.47 1.21
#